data_3RD5
#
_entry.id   3RD5
#
_cell.length_a   64.920
_cell.length_b   78.100
_cell.length_c   86.220
_cell.angle_alpha   90.00
_cell.angle_beta   90.00
_cell.angle_gamma   90.00
#
_symmetry.space_group_name_H-M   'P 21 21 21'
#
loop_
_entity.id
_entity.type
_entity.pdbx_description
1 polymer MYPAA.01249.C
2 non-polymer '4-(2-HYDROXYETHYL)-1-PIPERAZINE ETHANESULFONIC ACID'
3 non-polymer 1,2-ETHANEDIOL
4 water water
#
_entity_poly.entity_id   1
_entity_poly.type   'polypeptide(L)'
_entity_poly.pdbx_seq_one_letter_code
;GSMTGWTAADLPSFAQRTVVITGANSGLGAVTARELARRGATVIMAVRDTRKGEAAARTMAGQVEVRELDLQDLSSVRRF
ADGVSGADVLINNAGIMAVPYALTVDGFESQIGTNHLGHFALTNLLLPRLTDRVVTVSSMAHWPGRINLEDLNWRSRRYS
PWLAYSQSKLANLLFTSELQRRLTAAGSPLRALAAHPGYSHTNLQGASGRKLGDALMSAATRVVATDADFGARQTLYAAS
QDLPGDSFVGPRFGYLGRTQPVGRSRRAKDAGMAAALWALSEQLTKTEFPL
;
_entity_poly.pdbx_strand_id   A
#
# COMPACT_ATOMS: atom_id res chain seq x y z
N THR A 4 -17.24 -22.32 -0.17
CA THR A 4 -15.77 -22.17 -0.43
C THR A 4 -15.34 -20.71 -0.27
N GLY A 5 -14.04 -20.49 -0.10
CA GLY A 5 -13.55 -19.14 0.12
C GLY A 5 -13.73 -18.20 -1.07
N TRP A 6 -13.69 -16.90 -0.76
CA TRP A 6 -13.79 -15.86 -1.79
C TRP A 6 -12.55 -15.90 -2.67
N THR A 7 -12.74 -15.71 -3.95
CA THR A 7 -11.61 -15.60 -4.89
C THR A 7 -11.89 -14.45 -5.85
N ALA A 8 -10.90 -14.12 -6.68
CA ALA A 8 -11.10 -13.04 -7.65
C ALA A 8 -12.26 -13.30 -8.64
N ALA A 9 -12.68 -14.55 -8.79
CA ALA A 9 -13.85 -14.87 -9.58
C ALA A 9 -15.12 -14.19 -9.06
N ASP A 10 -15.09 -13.81 -7.79
CA ASP A 10 -16.23 -13.23 -7.10
C ASP A 10 -16.19 -11.69 -7.14
N LEU A 11 -15.21 -11.12 -7.82
CA LEU A 11 -15.14 -9.65 -7.86
C LEU A 11 -16.39 -9.02 -8.46
N PRO A 12 -16.91 -7.95 -7.85
CA PRO A 12 -17.99 -7.21 -8.46
C PRO A 12 -17.50 -6.34 -9.63
N SER A 13 -18.42 -5.75 -10.35
CA SER A 13 -18.06 -4.84 -11.42
C SER A 13 -17.35 -3.59 -10.86
N PHE A 14 -16.32 -3.15 -11.61
CA PHE A 14 -15.66 -1.87 -11.37
C PHE A 14 -15.88 -0.92 -12.56
N ALA A 15 -16.93 -1.13 -13.36
CA ALA A 15 -17.20 -0.29 -14.50
C ALA A 15 -17.27 1.18 -14.13
N GLN A 16 -16.54 2.02 -14.86
CA GLN A 16 -16.55 3.48 -14.65
C GLN A 16 -15.80 3.95 -13.40
N ARG A 17 -15.10 3.05 -12.74
CA ARG A 17 -14.38 3.38 -11.52
C ARG A 17 -12.87 3.42 -11.81
N THR A 18 -12.16 4.33 -11.18
CA THR A 18 -10.72 4.52 -11.40
C THR A 18 -9.98 4.04 -10.17
N VAL A 19 -8.97 3.20 -10.41
CA VAL A 19 -8.13 2.62 -9.36
C VAL A 19 -6.69 2.97 -9.64
N VAL A 20 -6.01 3.64 -8.71
CA VAL A 20 -4.59 3.89 -8.79
C VAL A 20 -3.88 2.81 -8.03
N ILE A 21 -2.87 2.17 -8.63
CA ILE A 21 -2.12 1.07 -8.01
CA ILE A 21 -2.12 1.15 -7.93
C ILE A 21 -0.65 1.37 -8.11
N THR A 22 0.08 1.44 -6.99
CA THR A 22 1.52 1.58 -7.07
C THR A 22 2.12 0.21 -7.32
N GLY A 23 3.14 0.15 -8.17
CA GLY A 23 3.74 -1.15 -8.47
C GLY A 23 5.21 -1.17 -8.44
N ALA A 24 5.73 -2.39 -8.29
CA ALA A 24 7.14 -2.66 -8.26
C ALA A 24 7.51 -3.57 -9.45
N ASN A 25 6.66 -3.59 -10.48
CA ASN A 25 6.79 -4.41 -11.72
C ASN A 25 7.00 -5.89 -11.37
N SER A 26 6.19 -6.28 -10.39
CA SER A 26 6.16 -7.61 -9.92
C SER A 26 4.74 -8.16 -10.04
N GLY A 27 4.67 -9.43 -9.77
CA GLY A 27 3.53 -10.20 -10.01
C GLY A 27 2.32 -9.75 -9.24
N LEU A 28 2.49 -9.42 -7.97
CA LEU A 28 1.37 -9.08 -7.11
C LEU A 28 0.54 -7.89 -7.68
N GLY A 29 1.27 -6.83 -8.00
CA GLY A 29 0.68 -5.64 -8.59
C GLY A 29 0.05 -5.91 -9.95
N ALA A 30 0.74 -6.69 -10.77
CA ALA A 30 0.25 -6.98 -12.10
C ALA A 30 -1.08 -7.73 -12.06
N VAL A 31 -1.19 -8.73 -11.20
CA VAL A 31 -2.44 -9.49 -11.09
C VAL A 31 -3.57 -8.63 -10.52
N THR A 32 -3.23 -7.78 -9.53
CA THR A 32 -4.23 -6.92 -8.94
C THR A 32 -4.83 -6.00 -10.05
N ALA A 33 -3.94 -5.40 -10.86
CA ALA A 33 -4.36 -4.57 -11.99
C ALA A 33 -5.17 -5.35 -13.00
N ARG A 34 -4.66 -6.52 -13.36
CA ARG A 34 -5.30 -7.38 -14.39
C ARG A 34 -6.74 -7.69 -13.99
N GLU A 35 -6.97 -8.12 -12.74
CA GLU A 35 -8.30 -8.54 -12.34
C GLU A 35 -9.26 -7.36 -12.24
N LEU A 36 -8.79 -6.22 -11.74
CA LEU A 36 -9.69 -5.06 -11.71
C LEU A 36 -10.03 -4.55 -13.11
N ALA A 37 -9.05 -4.53 -14.02
CA ALA A 37 -9.32 -4.12 -15.39
C ALA A 37 -10.31 -5.09 -16.09
N ARG A 38 -10.19 -6.38 -15.81
CA ARG A 38 -11.13 -7.38 -16.39
CA ARG A 38 -11.13 -7.41 -16.32
C ARG A 38 -12.58 -7.10 -15.96
N ARG A 39 -12.74 -6.45 -14.79
CA ARG A 39 -14.06 -6.09 -14.24
C ARG A 39 -14.46 -4.65 -14.59
N GLY A 40 -13.77 -4.03 -15.55
CA GLY A 40 -14.17 -2.74 -16.09
C GLY A 40 -13.53 -1.52 -15.47
N ALA A 41 -12.58 -1.70 -14.56
CA ALA A 41 -11.92 -0.54 -13.94
C ALA A 41 -11.01 0.19 -14.91
N THR A 42 -10.91 1.51 -14.74
CA THR A 42 -9.83 2.29 -15.35
C THR A 42 -8.68 2.24 -14.34
N VAL A 43 -7.63 1.50 -14.66
CA VAL A 43 -6.50 1.29 -13.75
C VAL A 43 -5.34 2.18 -14.16
N ILE A 44 -4.78 2.90 -13.21
CA ILE A 44 -3.56 3.69 -13.40
C ILE A 44 -2.46 3.01 -12.59
N MET A 45 -1.53 2.35 -13.29
CA MET A 45 -0.40 1.70 -12.66
CA MET A 45 -0.40 1.66 -12.72
C MET A 45 0.74 2.68 -12.59
N ALA A 46 1.22 2.94 -11.39
CA ALA A 46 2.23 3.98 -11.12
C ALA A 46 3.53 3.29 -10.72
N VAL A 47 4.52 3.34 -11.61
CA VAL A 47 5.74 2.52 -11.52
C VAL A 47 6.98 3.32 -11.87
N ARG A 48 8.13 2.86 -11.38
CA ARG A 48 9.42 3.51 -11.66
CA ARG A 48 9.37 3.56 -11.67
C ARG A 48 9.84 3.26 -13.10
N ASP A 49 9.73 2.00 -13.53
CA ASP A 49 10.20 1.57 -14.86
C ASP A 49 8.99 1.44 -15.77
N THR A 50 8.69 2.54 -16.43
CA THR A 50 7.50 2.61 -17.30
C THR A 50 7.64 1.81 -18.59
N ARG A 51 8.84 1.59 -19.07
CA ARG A 51 9.03 0.77 -20.27
C ARG A 51 8.56 -0.66 -19.97
N LYS A 52 9.04 -1.22 -18.86
CA LYS A 52 8.65 -2.57 -18.45
C LYS A 52 7.14 -2.58 -18.16
N GLY A 53 6.65 -1.57 -17.45
CA GLY A 53 5.22 -1.52 -17.13
C GLY A 53 4.33 -1.52 -18.36
N GLU A 54 4.67 -0.68 -19.34
CA GLU A 54 3.88 -0.58 -20.55
C GLU A 54 3.94 -1.88 -21.34
N ALA A 55 5.09 -2.52 -21.41
CA ALA A 55 5.16 -3.78 -22.17
C ALA A 55 4.19 -4.83 -21.60
N ALA A 56 4.00 -4.81 -20.29
CA ALA A 56 3.04 -5.74 -19.64
C ALA A 56 1.59 -5.27 -19.77
N ALA A 57 1.36 -3.98 -19.53
CA ALA A 57 0.00 -3.45 -19.53
C ALA A 57 -0.67 -3.50 -20.89
N ARG A 58 0.09 -3.35 -21.96
CA ARG A 58 -0.53 -3.21 -23.29
C ARG A 58 -1.22 -4.49 -23.76
N THR A 59 -0.91 -5.65 -23.17
CA THR A 59 -1.58 -6.91 -23.49
C THR A 59 -2.62 -7.35 -22.44
N MET A 60 -2.88 -6.54 -21.42
CA MET A 60 -3.91 -6.84 -20.43
C MET A 60 -5.27 -6.44 -20.96
N ALA A 61 -6.25 -7.35 -20.87
CA ALA A 61 -7.64 -6.99 -21.16
C ALA A 61 -8.15 -5.86 -20.27
N GLY A 62 -8.99 -4.99 -20.82
CA GLY A 62 -9.44 -3.83 -20.09
C GLY A 62 -8.43 -2.68 -20.18
N GLN A 63 -8.57 -1.71 -19.29
CA GLN A 63 -7.83 -0.43 -19.35
C GLN A 63 -6.80 -0.31 -18.23
N VAL A 64 -5.53 -0.67 -18.52
CA VAL A 64 -4.43 -0.46 -17.57
C VAL A 64 -3.45 0.53 -18.21
N GLU A 65 -3.43 1.76 -17.68
CA GLU A 65 -2.53 2.83 -18.09
C GLU A 65 -1.30 2.83 -17.21
N VAL A 66 -0.13 3.08 -17.79
CA VAL A 66 1.11 3.18 -17.02
C VAL A 66 1.58 4.63 -16.94
N ARG A 67 1.90 5.07 -15.72
CA ARG A 67 2.47 6.41 -15.46
C ARG A 67 3.69 6.26 -14.58
N GLU A 68 4.58 7.23 -14.67
CA GLU A 68 5.83 7.23 -13.90
CA GLU A 68 5.83 7.24 -13.91
C GLU A 68 5.62 7.69 -12.48
N LEU A 69 6.15 6.90 -11.55
CA LEU A 69 6.18 7.23 -10.14
C LEU A 69 7.44 6.59 -9.55
N ASP A 70 8.27 7.39 -8.87
CA ASP A 70 9.38 6.89 -8.09
C ASP A 70 9.11 7.18 -6.61
N LEU A 71 8.66 6.18 -5.87
CA LEU A 71 8.37 6.33 -4.45
C LEU A 71 9.57 6.69 -3.60
N GLN A 72 10.78 6.54 -4.14
CA GLN A 72 12.03 6.95 -3.48
C GLN A 72 12.45 8.37 -3.79
N ASP A 73 11.52 9.16 -4.32
CA ASP A 73 11.81 10.58 -4.68
C ASP A 73 10.51 11.37 -4.45
N LEU A 74 10.44 12.10 -3.35
CA LEU A 74 9.22 12.83 -3.06
C LEU A 74 8.81 13.81 -4.13
N SER A 75 9.76 14.36 -4.89
CA SER A 75 9.39 15.24 -6.00
C SER A 75 8.64 14.52 -7.11
N SER A 76 9.01 13.26 -7.34
CA SER A 76 8.30 12.41 -8.26
C SER A 76 6.90 12.04 -7.74
N VAL A 77 6.79 11.72 -6.45
CA VAL A 77 5.48 11.48 -5.83
C VAL A 77 4.55 12.66 -6.10
N ARG A 78 5.05 13.87 -5.87
N ARG A 78 5.06 13.87 -5.87
CA ARG A 78 4.26 15.10 -6.03
CA ARG A 78 4.24 15.05 -6.03
C ARG A 78 3.83 15.31 -7.48
C ARG A 78 3.82 15.32 -7.47
N ARG A 79 4.74 15.12 -8.41
CA ARG A 79 4.43 15.28 -9.84
C ARG A 79 3.36 14.26 -10.27
N PHE A 80 3.50 13.02 -9.82
CA PHE A 80 2.54 11.98 -10.15
C PHE A 80 1.17 12.31 -9.57
N ALA A 81 1.11 12.67 -8.29
CA ALA A 81 -0.15 12.98 -7.67
C ALA A 81 -0.87 14.14 -8.34
N ASP A 82 -0.12 15.16 -8.71
CA ASP A 82 -0.72 16.34 -9.31
C ASP A 82 -1.37 16.02 -10.65
N GLY A 83 -0.89 14.97 -11.30
CA GLY A 83 -1.48 14.49 -12.55
C GLY A 83 -2.72 13.64 -12.45
N VAL A 84 -3.10 13.25 -11.23
CA VAL A 84 -4.31 12.44 -11.03
C VAL A 84 -5.47 13.37 -10.72
N SER A 85 -6.41 13.49 -11.66
CA SER A 85 -7.53 14.40 -11.44
C SER A 85 -8.56 13.90 -10.44
N GLY A 86 -8.63 12.57 -10.27
CA GLY A 86 -9.55 11.96 -9.33
C GLY A 86 -9.39 10.46 -9.41
N ALA A 87 -9.73 9.78 -8.32
CA ALA A 87 -9.75 8.32 -8.31
C ALA A 87 -10.76 7.83 -7.30
N ASP A 88 -11.22 6.60 -7.47
CA ASP A 88 -12.11 5.98 -6.50
C ASP A 88 -11.38 5.20 -5.42
N VAL A 89 -10.38 4.41 -5.81
CA VAL A 89 -9.61 3.55 -4.93
C VAL A 89 -8.13 3.82 -5.16
N LEU A 90 -7.37 3.94 -4.08
CA LEU A 90 -5.89 3.98 -4.13
C LEU A 90 -5.38 2.72 -3.46
N ILE A 91 -4.54 1.97 -4.16
CA ILE A 91 -3.90 0.75 -3.66
C ILE A 91 -2.41 0.99 -3.55
N ASN A 92 -1.93 1.07 -2.30
CA ASN A 92 -0.52 1.27 -1.96
C ASN A 92 0.11 -0.14 -1.88
N ASN A 93 0.46 -0.66 -3.04
CA ASN A 93 0.95 -2.02 -3.23
C ASN A 93 2.43 -2.20 -3.39
N ALA A 94 3.12 -1.21 -3.96
CA ALA A 94 4.54 -1.36 -4.27
C ALA A 94 5.33 -1.59 -3.00
N GLY A 95 6.33 -2.44 -3.07
CA GLY A 95 7.22 -2.63 -1.94
C GLY A 95 8.54 -3.21 -2.37
N ILE A 96 9.54 -2.95 -1.56
CA ILE A 96 10.80 -3.67 -1.60
C ILE A 96 10.98 -4.40 -0.27
N MET A 97 11.77 -5.47 -0.29
CA MET A 97 11.79 -6.42 0.81
C MET A 97 13.19 -6.98 1.11
N ALA A 98 13.67 -6.70 2.31
CA ALA A 98 14.90 -7.33 2.86
C ALA A 98 16.11 -7.13 1.96
N VAL A 99 16.28 -5.90 1.53
CA VAL A 99 17.38 -5.43 0.68
C VAL A 99 18.52 -4.87 1.56
N PRO A 100 19.73 -4.69 1.00
CA PRO A 100 20.80 -4.02 1.72
C PRO A 100 20.49 -2.60 2.11
N TYR A 101 21.26 -2.09 3.06
CA TYR A 101 21.13 -0.69 3.49
C TYR A 101 21.39 0.26 2.32
N ALA A 102 20.48 1.19 2.13
CA ALA A 102 20.55 2.22 1.10
C ALA A 102 19.63 3.35 1.44
N LEU A 103 19.95 4.53 0.92
CA LEU A 103 19.16 5.73 1.15
C LEU A 103 18.49 6.19 -0.13
N THR A 104 17.32 6.76 0.05
CA THR A 104 16.57 7.38 -1.05
C THR A 104 17.16 8.78 -1.34
N VAL A 105 16.62 9.41 -2.40
CA VAL A 105 16.93 10.77 -2.79
C VAL A 105 16.78 11.73 -1.59
N ASP A 106 15.75 11.46 -0.79
CA ASP A 106 15.39 12.29 0.36
C ASP A 106 16.09 11.92 1.67
N GLY A 107 16.97 10.94 1.60
CA GLY A 107 17.75 10.51 2.76
C GLY A 107 17.10 9.51 3.67
N PHE A 108 16.05 8.86 3.16
CA PHE A 108 15.37 7.87 3.97
C PHE A 108 16.00 6.49 3.76
N GLU A 109 15.99 5.64 4.80
CA GLU A 109 16.34 4.23 4.61
C GLU A 109 15.36 3.67 3.56
N SER A 110 15.85 2.84 2.65
CA SER A 110 15.04 2.57 1.45
C SER A 110 13.73 1.83 1.70
N GLN A 111 13.69 0.93 2.67
CA GLN A 111 12.47 0.16 2.91
C GLN A 111 11.41 1.07 3.56
N ILE A 112 11.74 1.73 4.66
CA ILE A 112 10.76 2.66 5.26
C ILE A 112 10.41 3.76 4.26
N GLY A 113 11.40 4.21 3.49
CA GLY A 113 11.19 5.31 2.54
C GLY A 113 10.25 4.93 1.41
N THR A 114 10.42 3.76 0.84
CA THR A 114 9.61 3.29 -0.28
C THR A 114 8.23 2.83 0.21
N ASN A 115 8.23 1.93 1.20
CA ASN A 115 7.04 1.17 1.54
C ASN A 115 6.07 2.00 2.35
N HIS A 116 6.60 2.87 3.22
CA HIS A 116 5.78 3.72 4.04
C HIS A 116 5.80 5.20 3.63
N LEU A 117 6.96 5.85 3.68
CA LEU A 117 6.96 7.31 3.53
C LEU A 117 6.49 7.81 2.18
N GLY A 118 6.87 7.11 1.13
CA GLY A 118 6.42 7.55 -0.20
C GLY A 118 4.89 7.37 -0.36
N HIS A 119 4.38 6.28 0.18
CA HIS A 119 2.93 6.02 0.23
C HIS A 119 2.17 7.01 1.11
N PHE A 120 2.78 7.39 2.23
CA PHE A 120 2.22 8.39 3.13
C PHE A 120 2.02 9.72 2.39
N ALA A 121 3.06 10.17 1.71
CA ALA A 121 2.99 11.40 0.95
C ALA A 121 1.99 11.29 -0.17
N LEU A 122 2.03 10.19 -0.89
CA LEU A 122 1.10 9.98 -2.02
C LEU A 122 -0.35 10.07 -1.54
N THR A 123 -0.64 9.37 -0.45
CA THR A 123 -2.00 9.32 0.07
C THR A 123 -2.50 10.70 0.51
N ASN A 124 -1.66 11.44 1.24
CA ASN A 124 -2.09 12.77 1.67
C ASN A 124 -2.35 13.69 0.46
N LEU A 125 -1.56 13.54 -0.59
CA LEU A 125 -1.72 14.39 -1.76
C LEU A 125 -2.96 14.01 -2.59
N LEU A 126 -3.35 12.74 -2.61
CA LEU A 126 -4.53 12.30 -3.37
C LEU A 126 -5.87 12.38 -2.61
N LEU A 127 -5.82 12.34 -1.27
CA LEU A 127 -7.02 12.24 -0.46
C LEU A 127 -8.15 13.21 -0.82
N PRO A 128 -7.83 14.48 -1.12
CA PRO A 128 -8.91 15.41 -1.48
C PRO A 128 -9.68 15.05 -2.76
N ARG A 129 -9.12 14.16 -3.58
CA ARG A 129 -9.70 13.77 -4.86
C ARG A 129 -10.03 12.28 -4.95
N LEU A 130 -10.06 11.62 -3.81
CA LEU A 130 -10.45 10.21 -3.70
CA LEU A 130 -10.43 10.22 -3.68
C LEU A 130 -11.90 10.09 -3.23
N THR A 131 -12.61 9.09 -3.76
CA THR A 131 -14.04 8.93 -3.44
C THR A 131 -14.45 7.74 -2.56
N ASP A 132 -13.64 6.68 -2.49
CA ASP A 132 -14.04 5.47 -1.74
C ASP A 132 -13.04 5.07 -0.69
N ARG A 133 -11.83 4.60 -1.07
CA ARG A 133 -10.97 3.99 -0.09
C ARG A 133 -9.50 3.95 -0.48
N VAL A 134 -8.67 3.81 0.56
CA VAL A 134 -7.23 3.53 0.46
C VAL A 134 -7.01 2.12 0.99
N VAL A 135 -6.32 1.29 0.23
CA VAL A 135 -5.91 -0.06 0.65
C VAL A 135 -4.40 -0.07 0.68
N THR A 136 -3.81 -0.37 1.86
CA THR A 136 -2.33 -0.46 1.98
C THR A 136 -1.93 -1.90 2.20
N VAL A 137 -0.97 -2.38 1.44
CA VAL A 137 -0.53 -3.77 1.52
C VAL A 137 0.59 -3.88 2.57
N SER A 138 0.41 -4.76 3.56
CA SER A 138 1.39 -5.06 4.59
C SER A 138 1.89 -6.51 4.46
N SER A 139 2.28 -7.13 5.57
CA SER A 139 2.88 -8.44 5.57
C SER A 139 2.84 -9.06 6.95
N MET A 140 2.88 -10.39 7.03
CA MET A 140 3.15 -11.09 8.28
C MET A 140 4.44 -10.62 8.94
N ALA A 141 5.38 -10.11 8.16
CA ALA A 141 6.62 -9.58 8.70
C ALA A 141 6.42 -8.41 9.62
N HIS A 142 5.22 -7.84 9.69
CA HIS A 142 4.98 -6.77 10.67
C HIS A 142 5.12 -7.23 12.12
N TRP A 143 4.87 -8.51 12.36
CA TRP A 143 4.76 -9.00 13.76
C TRP A 143 5.99 -8.72 14.62
N PRO A 144 7.22 -9.00 14.12
CA PRO A 144 8.40 -8.64 14.93
C PRO A 144 8.86 -7.21 14.80
N GLY A 145 8.16 -6.43 13.98
CA GLY A 145 8.58 -5.06 13.72
C GLY A 145 8.41 -4.16 14.95
N ARG A 146 9.17 -3.08 14.99
CA ARG A 146 9.03 -2.05 16.02
CA ARG A 146 9.07 -2.05 16.02
C ARG A 146 9.33 -0.71 15.36
N ILE A 147 8.56 0.30 15.70
CA ILE A 147 8.84 1.68 15.25
C ILE A 147 9.86 2.32 16.15
N ASN A 148 10.96 2.79 15.56
CA ASN A 148 12.00 3.55 16.27
C ASN A 148 11.84 5.02 15.91
N LEU A 149 11.14 5.80 16.76
CA LEU A 149 10.84 7.19 16.43
C LEU A 149 12.09 8.07 16.41
N GLU A 150 13.08 7.73 17.21
CA GLU A 150 14.32 8.52 17.31
C GLU A 150 15.25 8.27 16.14
N ASP A 151 15.13 7.11 15.49
CA ASP A 151 16.07 6.74 14.43
C ASP A 151 15.35 5.84 13.41
N LEU A 152 14.29 6.38 12.84
CA LEU A 152 13.45 5.64 11.88
C LEU A 152 14.26 5.18 10.67
N ASN A 153 15.25 5.99 10.28
CA ASN A 153 16.03 5.75 9.06
C ASN A 153 17.35 5.00 9.29
N TRP A 154 17.50 4.37 10.44
CA TRP A 154 18.62 3.43 10.70
C TRP A 154 19.96 4.13 10.48
N ARG A 155 20.07 5.36 10.96
CA ARG A 155 21.32 6.13 10.78
C ARG A 155 22.39 5.81 11.82
N SER A 156 21.96 5.40 13.00
CA SER A 156 22.85 5.26 14.19
C SER A 156 22.68 3.93 14.91
N ARG A 157 22.20 2.92 14.17
CA ARG A 157 21.98 1.60 14.71
C ARG A 157 22.21 0.57 13.58
N ARG A 158 22.88 -0.53 13.89
CA ARG A 158 23.21 -1.57 12.91
C ARG A 158 21.96 -1.97 12.13
N TYR A 159 22.10 -2.07 10.82
CA TYR A 159 20.99 -2.46 9.96
C TYR A 159 20.70 -3.95 10.02
N SER A 160 19.41 -4.29 9.90
CA SER A 160 18.91 -5.64 9.68
C SER A 160 17.99 -5.58 8.46
N PRO A 161 18.34 -6.26 7.35
CA PRO A 161 17.44 -6.25 6.20
C PRO A 161 15.98 -6.64 6.55
N TRP A 162 15.81 -7.71 7.31
CA TRP A 162 14.46 -8.17 7.64
C TRP A 162 13.79 -7.31 8.68
N LEU A 163 14.49 -6.85 9.72
CA LEU A 163 13.82 -5.97 10.69
C LEU A 163 13.50 -4.58 10.10
N ALA A 164 14.27 -4.14 9.11
CA ALA A 164 13.92 -2.90 8.38
C ALA A 164 12.65 -3.11 7.54
N TYR A 165 12.53 -4.27 6.90
CA TYR A 165 11.25 -4.66 6.27
C TYR A 165 10.11 -4.61 7.29
N SER A 166 10.31 -5.28 8.42
CA SER A 166 9.29 -5.39 9.44
C SER A 166 8.88 -4.02 9.98
N GLN A 167 9.83 -3.10 10.16
CA GLN A 167 9.46 -1.76 10.62
C GLN A 167 8.51 -1.13 9.62
N SER A 168 8.83 -1.26 8.33
CA SER A 168 8.02 -0.66 7.29
C SER A 168 6.62 -1.25 7.19
N LYS A 169 6.53 -2.55 7.40
CA LYS A 169 5.24 -3.29 7.33
C LYS A 169 4.35 -3.01 8.53
N LEU A 170 4.96 -2.83 9.70
CA LEU A 170 4.26 -2.34 10.87
C LEU A 170 3.78 -0.90 10.63
N ALA A 171 4.63 -0.06 10.06
CA ALA A 171 4.25 1.30 9.71
C ALA A 171 3.02 1.35 8.79
N ASN A 172 2.93 0.39 7.85
CA ASN A 172 1.78 0.34 6.95
C ASN A 172 0.47 0.16 7.71
N LEU A 173 0.50 -0.65 8.77
CA LEU A 173 -0.68 -0.89 9.60
C LEU A 173 -1.02 0.31 10.51
N LEU A 174 0.00 0.86 11.16
CA LEU A 174 -0.20 2.04 12.01
C LEU A 174 -0.70 3.22 11.18
N PHE A 175 -0.20 3.31 9.94
CA PHE A 175 -0.69 4.31 8.95
C PHE A 175 -2.18 4.15 8.72
N THR A 176 -2.58 2.91 8.45
CA THR A 176 -3.99 2.60 8.18
C THR A 176 -4.90 2.94 9.37
N SER A 177 -4.49 2.58 10.58
CA SER A 177 -5.30 2.88 11.78
CA SER A 177 -5.35 2.87 11.74
C SER A 177 -5.44 4.38 12.01
N GLU A 178 -4.33 5.11 11.93
CA GLU A 178 -4.38 6.54 12.18
C GLU A 178 -5.10 7.28 11.07
N LEU A 179 -4.91 6.85 9.83
CA LEU A 179 -5.63 7.45 8.69
C LEU A 179 -7.15 7.26 8.94
N GLN A 180 -7.58 6.06 9.32
CA GLN A 180 -9.00 5.87 9.57
C GLN A 180 -9.49 6.75 10.70
N ARG A 181 -8.71 6.86 11.78
CA ARG A 181 -9.12 7.73 12.91
C ARG A 181 -9.33 9.16 12.41
N ARG A 182 -8.44 9.65 11.58
CA ARG A 182 -8.55 11.00 11.04
CA ARG A 182 -8.54 11.01 11.05
C ARG A 182 -9.71 11.18 10.09
N LEU A 183 -9.98 10.17 9.26
CA LEU A 183 -11.09 10.22 8.32
C LEU A 183 -12.38 10.29 9.09
N THR A 184 -12.53 9.45 10.10
CA THR A 184 -13.76 9.43 10.93
C THR A 184 -13.94 10.77 11.63
N ALA A 185 -12.86 11.31 12.20
CA ALA A 185 -12.96 12.61 12.87
C ALA A 185 -13.34 13.75 11.93
N ALA A 186 -12.93 13.67 10.66
CA ALA A 186 -13.25 14.67 9.64
C ALA A 186 -14.64 14.49 9.06
N GLY A 187 -15.36 13.45 9.45
CA GLY A 187 -16.67 13.15 8.83
C GLY A 187 -16.58 12.73 7.38
N SER A 188 -15.45 12.15 7.01
CA SER A 188 -15.28 11.68 5.62
C SER A 188 -15.95 10.33 5.43
N PRO A 189 -16.50 10.08 4.22
CA PRO A 189 -17.00 8.73 3.94
C PRO A 189 -15.90 7.75 3.49
N LEU A 190 -14.69 8.24 3.35
CA LEU A 190 -13.58 7.37 2.92
C LEU A 190 -13.22 6.39 3.99
N ARG A 191 -12.75 5.23 3.56
CA ARG A 191 -12.21 4.19 4.47
C ARG A 191 -10.76 3.92 4.15
N ALA A 192 -10.00 3.59 5.19
CA ALA A 192 -8.63 3.08 5.09
C ALA A 192 -8.61 1.64 5.52
N LEU A 193 -8.11 0.76 4.64
CA LEU A 193 -8.07 -0.69 4.87
C LEU A 193 -6.70 -1.19 4.58
N ALA A 194 -6.39 -2.39 5.04
CA ALA A 194 -5.12 -3.03 4.75
C ALA A 194 -5.34 -4.47 4.33
N ALA A 195 -4.35 -5.03 3.64
CA ALA A 195 -4.33 -6.44 3.21
C ALA A 195 -2.92 -6.94 3.26
N HIS A 196 -2.73 -8.26 3.31
CA HIS A 196 -1.41 -8.82 3.12
C HIS A 196 -1.50 -10.12 2.34
N PRO A 197 -0.41 -10.48 1.62
CA PRO A 197 -0.52 -11.54 0.61
C PRO A 197 -0.24 -12.93 1.13
N GLY A 198 0.05 -13.09 2.41
CA GLY A 198 0.47 -14.40 2.92
C GLY A 198 1.93 -14.67 2.69
N TYR A 199 2.24 -15.93 2.36
CA TYR A 199 3.59 -16.44 2.37
C TYR A 199 4.59 -15.72 1.46
N SER A 200 4.13 -15.17 0.36
CA SER A 200 5.09 -14.61 -0.63
C SER A 200 5.96 -13.50 -0.11
N HIS A 201 5.45 -12.75 0.86
CA HIS A 201 6.19 -11.59 1.41
C HIS A 201 6.57 -11.82 2.84
N THR A 202 7.28 -12.92 3.04
CA THR A 202 7.70 -13.34 4.36
C THR A 202 9.10 -13.94 4.22
N ASN A 203 9.74 -14.18 5.36
CA ASN A 203 11.11 -14.73 5.40
CA ASN A 203 11.10 -14.72 5.34
C ASN A 203 11.25 -16.23 5.14
N LEU A 204 10.20 -16.90 4.71
CA LEU A 204 10.26 -18.33 4.41
C LEU A 204 11.16 -18.73 3.22
N ALA A 225 3.21 -17.40 -11.20
CA ALA A 225 1.78 -17.09 -11.44
C ALA A 225 0.90 -17.33 -10.21
N THR A 226 1.08 -18.49 -9.61
CA THR A 226 0.22 -19.00 -8.56
C THR A 226 0.37 -18.10 -7.34
N ASP A 227 1.62 -17.73 -7.03
CA ASP A 227 1.92 -16.93 -5.84
C ASP A 227 1.32 -15.55 -6.01
N ALA A 228 1.42 -14.98 -7.21
CA ALA A 228 0.87 -13.67 -7.46
C ALA A 228 -0.65 -13.73 -7.37
N ASP A 229 -1.30 -14.74 -7.94
CA ASP A 229 -2.76 -14.83 -7.81
C ASP A 229 -3.21 -14.91 -6.36
N PHE A 230 -2.56 -15.74 -5.56
CA PHE A 230 -2.94 -15.91 -4.16
C PHE A 230 -2.76 -14.62 -3.37
N GLY A 231 -1.64 -13.94 -3.58
CA GLY A 231 -1.41 -12.69 -2.88
C GLY A 231 -2.38 -11.60 -3.29
N ALA A 232 -2.62 -11.49 -4.60
CA ALA A 232 -3.49 -10.44 -5.12
C ALA A 232 -4.91 -10.60 -4.63
N ARG A 233 -5.32 -11.85 -4.42
CA ARG A 233 -6.67 -12.13 -3.93
C ARG A 233 -7.01 -11.32 -2.68
N GLN A 234 -6.01 -11.23 -1.81
CA GLN A 234 -6.21 -10.58 -0.51
C GLN A 234 -6.48 -9.10 -0.72
N THR A 235 -5.64 -8.45 -1.52
CA THR A 235 -5.83 -7.05 -1.88
C THR A 235 -7.17 -6.80 -2.57
N LEU A 236 -7.52 -7.69 -3.49
CA LEU A 236 -8.75 -7.54 -4.27
C LEU A 236 -10.01 -7.60 -3.39
N TYR A 237 -9.97 -8.45 -2.35
CA TYR A 237 -11.04 -8.51 -1.37
C TYR A 237 -11.14 -7.17 -0.60
N ALA A 238 -10.01 -6.67 -0.12
CA ALA A 238 -9.99 -5.37 0.57
C ALA A 238 -10.44 -4.21 -0.32
N ALA A 239 -10.14 -4.28 -1.61
CA ALA A 239 -10.52 -3.22 -2.56
C ALA A 239 -11.96 -3.21 -2.93
N SER A 240 -12.66 -4.34 -2.73
CA SER A 240 -14.00 -4.52 -3.28
C SER A 240 -15.14 -4.73 -2.28
N GLN A 241 -14.84 -5.24 -1.08
CA GLN A 241 -15.91 -5.68 -0.16
C GLN A 241 -16.31 -4.58 0.79
N ASP A 242 -17.52 -4.71 1.35
CA ASP A 242 -18.07 -3.66 2.25
C ASP A 242 -17.57 -3.93 3.65
N LEU A 243 -16.37 -3.45 3.95
CA LEU A 243 -15.64 -3.73 5.19
C LEU A 243 -15.61 -2.51 6.08
N PRO A 244 -15.67 -2.70 7.41
CA PRO A 244 -15.47 -1.58 8.30
C PRO A 244 -14.08 -0.94 8.12
N GLY A 245 -14.02 0.36 8.35
CA GLY A 245 -12.75 1.06 8.34
C GLY A 245 -11.74 0.43 9.29
N ASP A 246 -10.47 0.45 8.88
CA ASP A 246 -9.37 -0.21 9.60
C ASP A 246 -9.49 -1.72 9.68
N SER A 247 -10.14 -2.34 8.71
CA SER A 247 -10.07 -3.79 8.57
C SER A 247 -8.75 -4.17 7.93
N PHE A 248 -8.22 -5.33 8.31
CA PHE A 248 -7.00 -5.92 7.75
C PHE A 248 -7.39 -7.30 7.20
N VAL A 249 -7.17 -7.55 5.91
CA VAL A 249 -7.64 -8.74 5.19
C VAL A 249 -6.43 -9.60 4.84
N GLY A 250 -6.57 -10.92 4.99
CA GLY A 250 -5.53 -11.84 4.56
C GLY A 250 -5.98 -13.27 4.73
N PRO A 251 -5.02 -14.21 4.54
CA PRO A 251 -5.38 -15.63 4.67
C PRO A 251 -5.61 -15.98 6.14
N ARG A 252 -6.58 -16.86 6.36
CA ARG A 252 -7.03 -17.21 7.72
C ARG A 252 -5.88 -17.63 8.63
N PHE A 253 -4.92 -18.40 8.11
CA PHE A 253 -3.81 -18.92 8.93
C PHE A 253 -2.51 -18.18 8.68
N GLY A 254 -2.63 -16.97 8.21
CA GLY A 254 -1.48 -16.07 8.02
C GLY A 254 -0.77 -16.30 6.72
N TYR A 255 -0.17 -17.45 6.58
CA TYR A 255 0.58 -17.78 5.38
C TYR A 255 -0.29 -18.31 4.24
N LEU A 256 -1.31 -19.07 4.61
CA LEU A 256 -2.28 -19.73 3.73
C LEU A 256 -3.65 -19.68 4.41
N GLY A 257 -4.68 -20.08 3.67
CA GLY A 257 -6.04 -20.09 4.17
C GLY A 257 -6.98 -19.17 3.44
N ARG A 258 -8.27 -19.31 3.74
CA ARG A 258 -9.32 -18.49 3.12
CA ARG A 258 -9.23 -18.49 3.03
C ARG A 258 -9.17 -17.02 3.45
N THR A 259 -9.58 -16.18 2.51
CA THR A 259 -9.51 -14.70 2.70
C THR A 259 -10.60 -14.21 3.62
N GLN A 260 -10.20 -13.46 4.63
CA GLN A 260 -11.11 -12.95 5.65
C GLN A 260 -10.42 -11.80 6.41
N PRO A 261 -11.18 -11.04 7.19
CA PRO A 261 -10.54 -10.16 8.17
C PRO A 261 -9.68 -10.97 9.14
N VAL A 262 -8.50 -10.44 9.44
CA VAL A 262 -7.51 -11.12 10.28
C VAL A 262 -7.00 -10.16 11.36
N GLY A 263 -6.28 -10.73 12.31
CA GLY A 263 -5.68 -9.96 13.40
C GLY A 263 -4.34 -9.38 13.05
N ARG A 264 -3.80 -8.65 14.02
CA ARG A 264 -2.50 -7.98 13.86
C ARG A 264 -1.81 -7.91 15.24
N SER A 265 -0.54 -7.51 15.24
CA SER A 265 0.26 -7.51 16.45
C SER A 265 -0.20 -6.47 17.48
N ARG A 266 0.22 -6.68 18.73
CA ARG A 266 -0.07 -5.76 19.79
C ARG A 266 0.52 -4.38 19.47
N ARG A 267 1.74 -4.35 18.94
CA ARG A 267 2.32 -3.06 18.55
C ARG A 267 1.57 -2.35 17.44
N ALA A 268 0.98 -3.11 16.52
CA ALA A 268 0.13 -2.50 15.50
C ALA A 268 -1.16 -1.91 16.05
N LYS A 269 -1.56 -2.30 17.24
CA LYS A 269 -2.77 -1.78 17.90
C LYS A 269 -2.50 -0.62 18.85
N ASP A 270 -1.27 -0.11 18.88
CA ASP A 270 -0.90 0.99 19.77
C ASP A 270 -1.29 2.32 19.14
N ALA A 271 -2.38 2.91 19.62
CA ALA A 271 -2.90 4.13 19.05
C ALA A 271 -1.98 5.32 19.28
N GLY A 272 -1.31 5.37 20.41
CA GLY A 272 -0.31 6.41 20.64
C GLY A 272 0.84 6.38 19.66
N MET A 273 1.34 5.19 19.39
CA MET A 273 2.41 5.07 18.40
C MET A 273 1.91 5.40 17.01
N ALA A 274 0.69 5.01 16.64
CA ALA A 274 0.18 5.37 15.33
C ALA A 274 0.14 6.90 15.15
N ALA A 275 -0.35 7.61 16.17
CA ALA A 275 -0.39 9.03 16.13
C ALA A 275 0.98 9.72 16.13
N ALA A 276 1.95 9.18 16.91
CA ALA A 276 3.31 9.72 16.93
C ALA A 276 4.02 9.49 15.60
N LEU A 277 3.85 8.28 15.05
CA LEU A 277 4.43 7.96 13.73
C LEU A 277 3.87 8.89 12.66
N TRP A 278 2.57 9.20 12.73
CA TRP A 278 1.98 10.13 11.79
C TRP A 278 2.65 11.49 11.82
N ALA A 279 2.91 12.00 13.04
CA ALA A 279 3.58 13.28 13.18
C ALA A 279 4.97 13.26 12.60
N LEU A 280 5.75 12.23 12.93
CA LEU A 280 7.08 12.08 12.36
C LEU A 280 7.03 12.01 10.83
N SER A 281 6.03 11.29 10.30
CA SER A 281 5.89 11.11 8.86
C SER A 281 5.56 12.42 8.13
N GLU A 282 4.72 13.25 8.76
CA GLU A 282 4.42 14.57 8.21
C GLU A 282 5.71 15.40 8.16
N GLN A 283 6.50 15.35 9.22
CA GLN A 283 7.74 16.14 9.25
CA GLN A 283 7.75 16.11 9.31
C GLN A 283 8.73 15.66 8.21
N LEU A 284 8.89 14.35 8.02
CA LEU A 284 9.84 13.85 7.08
C LEU A 284 9.44 14.12 5.63
N THR A 285 8.13 14.02 5.36
CA THR A 285 7.64 14.10 3.96
C THR A 285 7.18 15.50 3.53
N LYS A 286 7.04 16.42 4.49
CA LYS A 286 6.45 17.74 4.22
C LYS A 286 5.10 17.63 3.53
N THR A 287 4.32 16.65 3.98
CA THR A 287 2.90 16.52 3.62
C THR A 287 2.10 16.38 4.90
N GLU A 288 0.84 16.73 4.85
CA GLU A 288 -0.04 16.67 5.99
C GLU A 288 -1.42 16.16 5.63
N PHE A 289 -2.13 15.62 6.61
CA PHE A 289 -3.51 15.20 6.43
C PHE A 289 -4.34 16.40 5.98
N PRO A 290 -5.06 16.31 4.84
CA PRO A 290 -5.63 17.52 4.21
C PRO A 290 -7.12 17.72 4.44
N LEU A 291 -7.79 16.80 5.13
CA LEU A 291 -9.24 16.89 5.29
C LEU A 291 -9.62 17.43 6.66
#